data_3C9C
#
_entry.id   3C9C
#
_cell.length_a   150.119
_cell.length_b   150.119
_cell.length_c   97.821
_cell.angle_alpha   90.00
_cell.angle_beta   90.00
_cell.angle_gamma   120.00
#
_symmetry.space_group_name_H-M   'P 31 2 1'
#
loop_
_entity.id
_entity.type
_entity.pdbx_description
1 polymer 'Chromatin assembly factor 1 p55 subunit'
2 polymer 'Histone H4, 27-residue peptide'
3 non-polymer 'CADMIUM ION'
#
loop_
_entity_poly.entity_id
_entity_poly.type
_entity_poly.pdbx_seq_one_letter_code
_entity_poly.pdbx_strand_id
1 'polypeptide(L)'
;GAMVDRSDNAAESFDDAVEERVINEEYKIWKKNTPFLYDLVMTHALEWPSLTAQWLPDVTKQDGKDYSVHRLILGTHTSD
EQNHLLIASVQLPSEDAQFDGSHYDNEKGEFGGFGSVCGKIEIEIKINHEGEVNRARYMPQNACVIATKTPSSDVLVFDY
TKHPSKPEPSGECQPDLRLRGHQKEGYGLSWNPNLNGYLLSASDDHTICLWDINATPKEHRVIDAKNIFTGHTAVVEDVA
WHLLHESLFGSVADDQKLMIWDTRNNNTSKPSHTVDAHTAEVNCLSFNPYSEFILATGSADKTVALWDLRNLKLKLHSFE
SHKDEIFQVQWSPHNETILASSGTDRRLHVWDLSKIGEEQSTEDAEDGPPELLFIHGGHTAKISDFSWNPNEPWIICSVS
EDNIMQVWQMAENVYNDEEPEIPASELETNTA
;
A
2 'polypeptide(L)' AKRHRKVLRDNIQGITKPAIRRLARRG B
#
loop_
_chem_comp.id
_chem_comp.type
_chem_comp.name
_chem_comp.formula
CD non-polymer 'CADMIUM ION' 'Cd 2'
#
# COMPACT_ATOMS: atom_id res chain seq x y z
N SER A 13 2.72 -25.93 18.17
CA SER A 13 3.81 -25.16 18.84
C SER A 13 3.33 -24.23 19.98
N PHE A 14 4.03 -24.30 21.12
CA PHE A 14 3.69 -23.49 22.29
C PHE A 14 3.62 -22.03 21.93
N ASP A 15 4.69 -21.53 21.32
CA ASP A 15 4.77 -20.12 20.94
C ASP A 15 3.63 -19.70 20.02
N ASP A 16 3.19 -20.64 19.17
CA ASP A 16 2.09 -20.35 18.27
C ASP A 16 0.79 -20.18 19.07
N ALA A 17 0.50 -21.18 19.90
CA ALA A 17 -0.70 -21.16 20.73
C ALA A 17 -0.75 -19.90 21.60
N VAL A 18 0.37 -19.59 22.26
CA VAL A 18 0.42 -18.41 23.11
C VAL A 18 0.06 -17.20 22.28
N GLU A 19 0.74 -17.06 21.15
CA GLU A 19 0.45 -15.95 20.25
C GLU A 19 -1.05 -15.87 19.99
N GLU A 20 -1.57 -16.96 19.44
CA GLU A 20 -3.00 -17.06 19.14
C GLU A 20 -3.88 -16.61 20.30
N ARG A 21 -3.58 -17.10 21.51
CA ARG A 21 -4.38 -16.70 22.66
C ARG A 21 -4.33 -15.19 22.88
N VAL A 22 -3.16 -14.58 22.71
CA VAL A 22 -3.05 -13.15 22.92
C VAL A 22 -3.83 -12.43 21.82
N ILE A 23 -3.68 -12.93 20.60
CA ILE A 23 -4.38 -12.35 19.45
C ILE A 23 -5.88 -12.28 19.72
N ASN A 24 -6.48 -13.45 19.98
CA ASN A 24 -7.91 -13.51 20.24
C ASN A 24 -8.36 -12.68 21.42
N GLU A 25 -7.59 -12.67 22.50
CA GLU A 25 -7.98 -11.88 23.65
C GLU A 25 -7.96 -10.39 23.42
N GLU A 26 -6.97 -9.91 22.67
CA GLU A 26 -6.89 -8.48 22.40
C GLU A 26 -7.97 -8.09 21.41
N TYR A 27 -8.28 -8.99 20.48
CA TYR A 27 -9.30 -8.72 19.50
C TYR A 27 -10.67 -8.50 20.16
N LYS A 28 -10.89 -9.16 21.30
CA LYS A 28 -12.14 -9.00 22.01
C LYS A 28 -12.16 -7.57 22.53
N ILE A 29 -11.06 -7.17 23.17
CA ILE A 29 -10.95 -5.84 23.72
C ILE A 29 -11.23 -4.84 22.59
N TRP A 30 -10.58 -5.04 21.46
CA TRP A 30 -10.73 -4.17 20.28
C TRP A 30 -12.21 -3.94 19.97
N LYS A 31 -12.92 -5.03 19.67
CA LYS A 31 -14.34 -4.98 19.35
C LYS A 31 -15.09 -4.09 20.33
N LYS A 32 -14.88 -4.32 21.63
CA LYS A 32 -15.56 -3.54 22.64
C LYS A 32 -15.22 -2.06 22.58
N ASN A 33 -14.00 -1.72 22.14
CA ASN A 33 -13.61 -0.33 22.05
C ASN A 33 -14.02 0.34 20.75
N THR A 34 -14.30 -0.49 19.74
CA THR A 34 -14.70 -0.02 18.43
C THR A 34 -15.53 1.26 18.40
N PRO A 35 -16.70 1.26 19.05
CA PRO A 35 -17.57 2.45 19.07
C PRO A 35 -16.91 3.72 19.56
N PHE A 36 -15.77 3.61 20.23
CA PHE A 36 -15.07 4.79 20.76
C PHE A 36 -13.95 5.30 19.83
N LEU A 37 -13.28 4.35 19.17
CA LEU A 37 -12.16 4.66 18.30
C LEU A 37 -12.50 4.89 16.85
N TYR A 38 -13.64 4.38 16.38
CA TYR A 38 -14.00 4.53 14.98
C TYR A 38 -15.32 5.24 14.70
N ASP A 39 -15.48 5.66 13.44
CA ASP A 39 -16.70 6.30 12.97
C ASP A 39 -17.25 5.37 11.91
N LEU A 40 -16.43 4.43 11.47
CA LEU A 40 -16.80 3.47 10.42
C LEU A 40 -15.90 2.26 10.53
N VAL A 41 -16.49 1.07 10.47
CA VAL A 41 -15.73 -0.16 10.54
C VAL A 41 -16.54 -1.23 9.84
N MET A 42 -16.01 -1.79 8.76
CA MET A 42 -16.71 -2.84 8.06
C MET A 42 -15.71 -3.95 7.97
N THR A 43 -16.13 -5.19 8.20
CA THR A 43 -15.17 -6.28 8.14
C THR A 43 -15.65 -7.41 7.28
N HIS A 44 -15.45 -7.27 5.98
CA HIS A 44 -15.86 -8.31 5.04
C HIS A 44 -14.82 -9.44 5.06
N ALA A 45 -15.22 -10.64 4.64
CA ALA A 45 -14.28 -11.75 4.59
C ALA A 45 -14.27 -12.37 3.21
N LEU A 46 -13.29 -11.98 2.41
CA LEU A 46 -13.15 -12.48 1.04
C LEU A 46 -13.11 -14.00 0.97
N GLU A 47 -13.36 -14.54 -0.21
CA GLU A 47 -13.33 -15.99 -0.38
C GLU A 47 -11.88 -16.43 -0.24
N TRP A 48 -11.01 -15.68 -0.90
CA TRP A 48 -9.58 -15.95 -0.88
C TRP A 48 -8.89 -14.70 -0.37
N PRO A 49 -7.77 -14.87 0.33
CA PRO A 49 -7.01 -13.75 0.88
C PRO A 49 -6.50 -12.87 -0.25
N SER A 50 -6.36 -11.57 0.03
CA SER A 50 -5.86 -10.67 -1.00
C SER A 50 -4.48 -10.19 -0.56
N LEU A 51 -3.60 -9.95 -1.52
CA LEU A 51 -2.26 -9.47 -1.20
C LEU A 51 -2.13 -8.02 -1.61
N THR A 52 -3.13 -7.52 -2.34
CA THR A 52 -3.10 -6.15 -2.85
C THR A 52 -4.41 -5.41 -2.60
N ALA A 53 -4.34 -4.09 -2.59
CA ALA A 53 -5.50 -3.25 -2.37
C ALA A 53 -5.25 -1.82 -2.78
N GLN A 54 -6.15 -1.28 -3.59
CA GLN A 54 -6.03 0.09 -4.05
C GLN A 54 -7.42 0.59 -4.41
N TRP A 55 -7.78 1.79 -3.94
CA TRP A 55 -9.07 2.39 -4.27
C TRP A 55 -9.01 2.98 -5.67
N LEU A 56 -10.05 2.78 -6.45
CA LEU A 56 -10.09 3.39 -7.77
C LEU A 56 -10.42 4.86 -7.51
N PRO A 57 -10.23 5.72 -8.50
CA PRO A 57 -10.51 7.16 -8.34
C PRO A 57 -11.97 7.60 -8.24
N ASP A 58 -12.79 7.02 -9.11
CA ASP A 58 -14.20 7.32 -9.23
C ASP A 58 -15.05 7.01 -8.01
N VAL A 59 -16.21 7.66 -7.97
CA VAL A 59 -17.21 7.48 -6.93
C VAL A 59 -18.57 7.52 -7.63
N THR A 60 -19.47 6.65 -7.22
CA THR A 60 -20.78 6.61 -7.83
C THR A 60 -21.88 6.92 -6.83
N LYS A 61 -22.75 7.87 -7.19
CA LYS A 61 -23.86 8.28 -6.33
C LYS A 61 -25.18 8.14 -7.05
N GLN A 62 -26.26 8.16 -6.25
CA GLN A 62 -27.63 8.08 -6.75
C GLN A 62 -28.43 9.06 -5.91
N ASP A 63 -29.27 9.87 -6.55
CA ASP A 63 -30.07 10.81 -5.80
C ASP A 63 -30.98 9.98 -4.92
N GLY A 64 -31.15 10.39 -3.67
CA GLY A 64 -32.01 9.64 -2.77
C GLY A 64 -31.28 8.70 -1.83
N LYS A 65 -30.39 7.88 -2.37
CA LYS A 65 -29.62 6.94 -1.57
C LYS A 65 -28.80 7.68 -0.51
N ASP A 66 -28.68 7.08 0.67
CA ASP A 66 -27.93 7.68 1.77
C ASP A 66 -26.50 7.16 1.77
N TYR A 67 -26.00 6.82 0.59
CA TYR A 67 -24.65 6.30 0.45
C TYR A 67 -24.10 6.48 -0.96
N SER A 68 -22.78 6.46 -1.08
CA SER A 68 -22.09 6.60 -2.35
C SER A 68 -21.36 5.28 -2.56
N VAL A 69 -20.98 5.00 -3.79
CA VAL A 69 -20.28 3.76 -4.03
C VAL A 69 -18.86 3.96 -4.52
N HIS A 70 -17.94 3.32 -3.80
CA HIS A 70 -16.51 3.38 -4.11
C HIS A 70 -16.07 1.98 -4.52
N ARG A 71 -14.91 1.87 -5.17
CA ARG A 71 -14.43 0.57 -5.60
C ARG A 71 -12.94 0.30 -5.30
N LEU A 72 -12.62 -0.99 -5.13
CA LEU A 72 -11.26 -1.42 -4.82
C LEU A 72 -10.72 -2.47 -5.78
N ILE A 73 -9.42 -2.41 -6.06
CA ILE A 73 -8.80 -3.41 -6.91
C ILE A 73 -8.21 -4.46 -5.95
N LEU A 74 -8.85 -5.63 -5.87
CA LEU A 74 -8.38 -6.69 -4.99
C LEU A 74 -7.79 -7.86 -5.77
N GLY A 75 -7.28 -8.85 -5.05
CA GLY A 75 -6.70 -10.01 -5.70
C GLY A 75 -6.94 -11.29 -4.90
N THR A 76 -6.72 -12.43 -5.54
CA THR A 76 -6.92 -13.71 -4.86
C THR A 76 -5.56 -14.36 -4.65
N HIS A 77 -5.45 -15.16 -3.60
CA HIS A 77 -4.22 -15.86 -3.29
C HIS A 77 -4.50 -17.33 -2.99
N THR A 78 -4.18 -18.18 -3.96
CA THR A 78 -4.35 -19.63 -3.84
C THR A 78 -3.37 -20.36 -4.73
N SER A 79 -2.46 -21.11 -4.11
CA SER A 79 -1.48 -21.89 -4.87
C SER A 79 -2.16 -23.23 -5.11
N ASP A 80 -3.49 -23.18 -5.12
CA ASP A 80 -4.33 -24.35 -5.31
C ASP A 80 -5.21 -24.14 -6.53
N GLU A 81 -6.37 -23.51 -6.32
CA GLU A 81 -7.32 -23.25 -7.39
C GLU A 81 -7.06 -22.01 -8.23
N GLN A 82 -8.08 -21.58 -8.96
CA GLN A 82 -8.00 -20.43 -9.86
C GLN A 82 -7.90 -19.06 -9.19
N ASN A 83 -6.98 -18.23 -9.67
CA ASN A 83 -6.79 -16.88 -9.12
C ASN A 83 -7.54 -15.84 -9.93
N HIS A 84 -7.81 -14.68 -9.33
CA HIS A 84 -8.53 -13.62 -10.03
C HIS A 84 -8.11 -12.22 -9.68
N LEU A 85 -8.33 -11.30 -10.61
CA LEU A 85 -8.08 -9.88 -10.42
C LEU A 85 -9.50 -9.47 -10.06
N LEU A 86 -9.68 -8.73 -8.97
CA LEU A 86 -11.02 -8.35 -8.54
C LEU A 86 -11.29 -6.87 -8.43
N ILE A 87 -12.55 -6.51 -8.65
CA ILE A 87 -13.00 -5.14 -8.51
C ILE A 87 -14.17 -5.25 -7.55
N ALA A 88 -14.02 -4.68 -6.37
CA ALA A 88 -15.06 -4.74 -5.36
C ALA A 88 -15.71 -3.37 -5.21
N SER A 89 -17.02 -3.36 -5.06
CA SER A 89 -17.74 -2.11 -4.89
C SER A 89 -18.08 -1.99 -3.41
N VAL A 90 -17.94 -0.80 -2.85
CA VAL A 90 -18.22 -0.60 -1.44
C VAL A 90 -19.14 0.59 -1.19
N GLN A 91 -20.15 0.36 -0.35
CA GLN A 91 -21.10 1.40 -0.01
C GLN A 91 -20.64 2.13 1.22
N LEU A 92 -20.47 3.44 1.09
CA LEU A 92 -20.04 4.26 2.21
C LEU A 92 -21.09 5.32 2.48
N PRO A 93 -21.42 5.52 3.77
CA PRO A 93 -22.40 6.49 4.26
C PRO A 93 -22.24 7.86 3.64
N SER A 94 -23.32 8.62 3.61
CA SER A 94 -23.27 9.97 3.08
C SER A 94 -23.34 10.94 4.25
N GLU A 95 -23.51 12.22 3.93
CA GLU A 95 -23.61 13.27 4.95
C GLU A 95 -24.38 12.84 6.19
N ASP A 96 -25.33 11.91 6.03
CA ASP A 96 -26.15 11.42 7.14
C ASP A 96 -26.04 9.90 7.29
N PHE A 114 -34.49 -13.19 -2.20
CA PHE A 114 -33.88 -12.61 -3.39
C PHE A 114 -34.55 -11.28 -3.71
N GLY A 115 -33.88 -10.45 -4.50
CA GLY A 115 -34.43 -9.15 -4.85
C GLY A 115 -34.27 -8.14 -3.73
N SER A 116 -33.75 -8.60 -2.59
CA SER A 116 -33.54 -7.76 -1.43
C SER A 116 -32.33 -6.86 -1.67
N VAL A 117 -32.15 -5.86 -0.82
CA VAL A 117 -31.01 -4.95 -0.94
C VAL A 117 -29.69 -5.74 -0.81
N CYS A 118 -28.68 -5.28 -1.54
CA CYS A 118 -27.37 -5.92 -1.55
C CYS A 118 -26.51 -5.62 -0.35
N GLY A 119 -25.48 -6.46 -0.16
CA GLY A 119 -24.56 -6.26 0.94
C GLY A 119 -23.74 -5.05 0.60
N LYS A 120 -23.21 -4.35 1.60
CA LYS A 120 -22.43 -3.16 1.34
C LYS A 120 -21.17 -3.41 0.51
N ILE A 121 -20.79 -4.67 0.37
CA ILE A 121 -19.60 -5.04 -0.40
C ILE A 121 -19.86 -6.21 -1.33
N GLU A 122 -19.60 -6.01 -2.62
CA GLU A 122 -19.79 -7.07 -3.60
C GLU A 122 -18.62 -7.03 -4.57
N ILE A 123 -18.56 -8.02 -5.46
CA ILE A 123 -17.50 -8.09 -6.45
C ILE A 123 -18.10 -7.87 -7.84
N GLU A 124 -17.90 -6.67 -8.38
CA GLU A 124 -18.44 -6.32 -9.70
C GLU A 124 -17.72 -7.01 -10.85
N ILE A 125 -16.45 -6.69 -11.03
CA ILE A 125 -15.67 -7.29 -12.10
C ILE A 125 -14.85 -8.45 -11.54
N LYS A 126 -14.28 -9.23 -12.45
CA LYS A 126 -13.47 -10.38 -12.07
C LYS A 126 -12.67 -10.80 -13.28
N ILE A 127 -11.49 -11.36 -13.05
CA ILE A 127 -10.62 -11.78 -14.15
C ILE A 127 -9.68 -12.88 -13.69
N ASN A 128 -9.80 -14.05 -14.30
CA ASN A 128 -8.93 -15.16 -13.95
C ASN A 128 -7.48 -14.65 -14.11
N HIS A 129 -6.63 -15.05 -13.18
CA HIS A 129 -5.25 -14.60 -13.19
C HIS A 129 -4.30 -15.77 -12.93
N GLU A 130 -3.31 -15.93 -13.80
CA GLU A 130 -2.36 -17.01 -13.65
C GLU A 130 -1.42 -16.79 -12.46
N GLY A 131 -1.80 -17.35 -11.32
CA GLY A 131 -0.99 -17.20 -10.11
C GLY A 131 -1.54 -16.10 -9.24
N GLU A 132 -1.16 -16.12 -7.96
CA GLU A 132 -1.63 -15.10 -7.01
C GLU A 132 -1.32 -13.72 -7.56
N VAL A 133 -1.95 -12.70 -6.97
CA VAL A 133 -1.72 -11.34 -7.40
C VAL A 133 -0.94 -10.67 -6.30
N ASN A 134 0.35 -10.42 -6.52
CA ASN A 134 1.15 -9.76 -5.51
C ASN A 134 0.70 -8.31 -5.37
N ARG A 135 0.57 -7.63 -6.52
CA ARG A 135 0.10 -6.25 -6.56
C ARG A 135 -0.79 -6.10 -7.77
N ALA A 136 -1.61 -5.06 -7.70
CA ALA A 136 -2.54 -4.71 -8.76
C ALA A 136 -2.63 -3.21 -8.60
N ARG A 137 -2.22 -2.49 -9.63
CA ARG A 137 -2.27 -1.04 -9.58
C ARG A 137 -2.77 -0.46 -10.90
N TYR A 138 -3.75 0.44 -10.84
CA TYR A 138 -4.30 1.02 -12.06
C TYR A 138 -3.41 2.14 -12.57
N MET A 139 -3.53 2.45 -13.85
CA MET A 139 -2.75 3.51 -14.45
C MET A 139 -3.44 4.85 -14.27
N PRO A 140 -2.77 5.79 -13.61
CA PRO A 140 -3.29 7.14 -13.33
C PRO A 140 -4.02 7.75 -14.52
N GLN A 141 -3.34 7.82 -15.67
CA GLN A 141 -3.92 8.42 -16.86
C GLN A 141 -5.15 7.71 -17.42
N ASN A 142 -5.34 6.44 -17.07
CA ASN A 142 -6.47 5.68 -17.59
C ASN A 142 -6.76 4.51 -16.65
N ALA A 143 -7.61 4.76 -15.66
CA ALA A 143 -7.97 3.76 -14.65
C ALA A 143 -8.46 2.42 -15.18
N CYS A 144 -8.66 2.30 -16.48
CA CYS A 144 -9.11 1.04 -17.04
C CYS A 144 -7.92 0.09 -17.10
N VAL A 145 -6.74 0.66 -17.23
CA VAL A 145 -5.51 -0.14 -17.30
C VAL A 145 -5.07 -0.56 -15.91
N ILE A 146 -4.96 -1.86 -15.69
CA ILE A 146 -4.52 -2.38 -14.40
C ILE A 146 -3.26 -3.22 -14.59
N ALA A 147 -2.19 -2.84 -13.91
CA ALA A 147 -0.94 -3.59 -14.00
C ALA A 147 -0.94 -4.63 -12.91
N THR A 148 -0.27 -5.75 -13.18
CA THR A 148 -0.23 -6.83 -12.21
C THR A 148 1.15 -7.44 -11.99
N LYS A 149 1.38 -7.89 -10.76
CA LYS A 149 2.64 -8.55 -10.40
C LYS A 149 2.33 -10.01 -10.13
N THR A 150 2.85 -10.86 -11.01
CA THR A 150 2.65 -12.31 -10.98
C THR A 150 3.76 -13.02 -10.22
N PRO A 151 3.43 -14.18 -9.62
CA PRO A 151 4.42 -14.96 -8.86
C PRO A 151 5.44 -15.52 -9.84
N SER A 152 5.23 -15.22 -11.11
CA SER A 152 6.11 -15.66 -12.17
C SER A 152 7.19 -14.60 -12.31
N SER A 153 7.51 -14.25 -13.56
CA SER A 153 8.50 -13.25 -13.86
C SER A 153 7.84 -12.23 -14.79
N ASP A 154 6.66 -12.61 -15.27
CA ASP A 154 5.89 -11.77 -16.15
C ASP A 154 5.13 -10.70 -15.39
N VAL A 155 5.09 -9.50 -15.96
CA VAL A 155 4.37 -8.38 -15.39
C VAL A 155 3.22 -8.17 -16.36
N LEU A 156 2.02 -8.48 -15.89
CA LEU A 156 0.83 -8.39 -16.72
C LEU A 156 0.06 -7.08 -16.72
N VAL A 157 -0.63 -6.83 -17.83
CA VAL A 157 -1.44 -5.63 -17.98
C VAL A 157 -2.82 -6.06 -18.47
N PHE A 158 -3.86 -5.47 -17.91
CA PHE A 158 -5.23 -5.78 -18.33
C PHE A 158 -6.00 -4.48 -18.49
N ASP A 159 -7.11 -4.59 -19.20
CA ASP A 159 -8.01 -3.47 -19.46
C ASP A 159 -9.34 -4.09 -19.02
N TYR A 160 -9.86 -3.69 -17.86
CA TYR A 160 -11.10 -4.29 -17.39
C TYR A 160 -12.32 -3.83 -18.16
N THR A 161 -12.20 -3.94 -19.48
CA THR A 161 -13.23 -3.58 -20.44
C THR A 161 -13.06 -4.55 -21.58
N LYS A 162 -11.81 -4.95 -21.82
CA LYS A 162 -11.48 -5.90 -22.86
C LYS A 162 -11.87 -7.27 -22.33
N HIS A 163 -12.45 -7.26 -21.13
CA HIS A 163 -12.88 -8.50 -20.49
C HIS A 163 -14.27 -8.37 -19.84
N PRO A 164 -15.31 -8.04 -20.62
CA PRO A 164 -16.65 -7.90 -20.05
C PRO A 164 -17.10 -9.16 -19.30
N CYS A 173 -7.80 -16.04 -18.93
CA CYS A 173 -8.33 -14.81 -19.50
C CYS A 173 -7.38 -14.19 -20.51
N GLN A 174 -6.11 -14.60 -20.48
CA GLN A 174 -5.09 -14.12 -21.40
C GLN A 174 -4.89 -12.60 -21.39
N PRO A 175 -3.93 -12.11 -20.58
CA PRO A 175 -3.61 -10.68 -20.43
C PRO A 175 -3.36 -9.92 -21.72
N ASP A 176 -3.83 -8.68 -21.75
CA ASP A 176 -3.68 -7.81 -22.91
C ASP A 176 -2.23 -7.47 -23.21
N LEU A 177 -1.35 -7.65 -22.21
CA LEU A 177 0.08 -7.41 -22.37
C LEU A 177 0.93 -8.22 -21.41
N ARG A 178 2.10 -8.64 -21.89
CA ARG A 178 3.05 -9.39 -21.09
C ARG A 178 4.33 -8.59 -21.15
N LEU A 179 5.01 -8.47 -20.02
CA LEU A 179 6.22 -7.69 -20.00
C LEU A 179 7.41 -8.57 -19.59
N ARG A 180 8.29 -8.83 -20.55
CA ARG A 180 9.49 -9.66 -20.37
C ARG A 180 10.31 -9.20 -19.18
N GLY A 181 11.28 -8.33 -19.44
CA GLY A 181 12.11 -7.75 -18.40
C GLY A 181 13.00 -8.58 -17.48
N HIS A 182 12.42 -9.49 -16.69
CA HIS A 182 13.27 -10.26 -15.77
C HIS A 182 12.88 -11.68 -15.40
N GLN A 183 13.73 -12.31 -14.60
CA GLN A 183 13.56 -13.70 -14.19
C GLN A 183 12.82 -14.00 -12.89
N LYS A 184 13.12 -13.27 -11.84
CA LYS A 184 12.45 -13.54 -10.56
C LYS A 184 11.08 -12.87 -10.42
N GLU A 185 10.39 -13.29 -9.36
CA GLU A 185 9.08 -12.79 -8.97
C GLU A 185 9.26 -11.40 -8.37
N GLY A 186 8.16 -10.68 -8.15
CA GLY A 186 8.27 -9.35 -7.57
C GLY A 186 6.96 -8.72 -7.12
N TYR A 187 7.08 -7.69 -6.28
CA TYR A 187 5.93 -6.96 -5.78
C TYR A 187 5.97 -5.50 -6.22
N GLY A 188 7.12 -4.86 -6.05
CA GLY A 188 7.24 -3.46 -6.44
C GLY A 188 6.63 -3.18 -7.81
N LEU A 189 5.78 -2.15 -7.88
CA LEU A 189 5.11 -1.80 -9.12
C LEU A 189 4.77 -0.31 -9.05
N SER A 190 4.94 0.42 -10.13
CA SER A 190 4.68 1.86 -10.08
C SER A 190 4.48 2.58 -11.43
N TRP A 191 3.29 3.17 -11.61
CA TRP A 191 3.00 3.91 -12.85
C TRP A 191 3.50 5.34 -12.72
N ASN A 192 3.98 5.89 -13.84
CA ASN A 192 4.47 7.26 -13.86
C ASN A 192 3.26 8.13 -14.15
N PRO A 193 3.00 9.11 -13.28
CA PRO A 193 1.89 10.05 -13.39
C PRO A 193 2.02 11.04 -14.53
N ASN A 194 3.25 11.38 -14.87
CA ASN A 194 3.48 12.37 -15.91
C ASN A 194 3.86 11.79 -17.26
N LEU A 195 3.93 10.47 -17.32
CA LEU A 195 4.25 9.79 -18.56
C LEU A 195 3.37 8.57 -18.75
N ASN A 196 2.25 8.80 -19.42
CA ASN A 196 1.31 7.75 -19.72
C ASN A 196 2.00 6.49 -20.22
N GLY A 197 1.78 5.37 -19.54
CA GLY A 197 2.41 4.14 -20.00
C GLY A 197 3.69 3.73 -19.29
N TYR A 198 4.50 4.69 -18.89
CA TYR A 198 5.75 4.37 -18.19
C TYR A 198 5.52 3.72 -16.84
N LEU A 199 5.76 2.42 -16.77
CA LEU A 199 5.58 1.65 -15.55
C LEU A 199 6.92 1.06 -15.07
N LEU A 200 7.11 0.97 -13.76
CA LEU A 200 8.35 0.41 -13.18
C LEU A 200 8.04 -0.79 -12.32
N SER A 201 8.94 -1.76 -12.24
CA SER A 201 8.71 -2.93 -11.39
C SER A 201 9.95 -3.38 -10.64
N ALA A 202 9.76 -3.79 -9.38
CA ALA A 202 10.86 -4.26 -8.53
C ALA A 202 10.85 -5.77 -8.59
N SER A 203 12.00 -6.40 -8.42
CA SER A 203 12.09 -7.85 -8.50
C SER A 203 13.06 -8.52 -7.54
N ASP A 204 12.93 -9.85 -7.42
CA ASP A 204 13.80 -10.65 -6.56
C ASP A 204 15.11 -10.94 -7.29
N ASP A 205 15.20 -10.44 -8.52
CA ASP A 205 16.40 -10.64 -9.32
C ASP A 205 17.26 -9.38 -9.27
N HIS A 206 17.21 -8.67 -8.16
CA HIS A 206 18.02 -7.47 -7.99
C HIS A 206 17.87 -6.40 -9.07
N THR A 207 16.84 -6.49 -9.91
CA THR A 207 16.69 -5.46 -10.93
C THR A 207 15.35 -4.75 -10.96
N ILE A 208 15.34 -3.64 -11.71
CA ILE A 208 14.17 -2.81 -11.86
C ILE A 208 13.93 -2.61 -13.35
N CYS A 209 12.76 -3.02 -13.83
CA CYS A 209 12.43 -2.86 -15.24
C CYS A 209 11.61 -1.61 -15.50
N LEU A 210 11.60 -1.17 -16.75
CA LEU A 210 10.86 0.01 -17.15
C LEU A 210 10.36 -0.18 -18.58
N TRP A 211 9.05 -0.34 -18.75
CA TRP A 211 8.49 -0.52 -20.07
C TRP A 211 7.52 0.61 -20.33
N ASP A 212 7.29 0.91 -21.60
CA ASP A 212 6.33 1.93 -21.97
C ASP A 212 5.17 1.09 -22.46
N ILE A 213 4.07 1.10 -21.72
CA ILE A 213 2.89 0.30 -22.06
C ILE A 213 2.36 0.58 -23.47
N ASN A 214 2.54 1.80 -23.96
CA ASN A 214 2.09 2.18 -25.30
C ASN A 214 3.17 1.73 -26.26
N ALA A 215 3.96 0.76 -25.81
CA ALA A 215 5.07 0.23 -26.58
C ALA A 215 4.79 -0.01 -28.04
N THR A 216 5.64 0.56 -28.89
CA THR A 216 5.53 0.39 -30.33
C THR A 216 5.36 -1.12 -30.45
N PRO A 217 4.57 -1.58 -31.43
CA PRO A 217 4.39 -3.03 -31.56
C PRO A 217 4.31 -3.83 -30.25
N LYS A 218 4.19 -5.15 -30.37
CA LYS A 218 4.07 -5.97 -29.19
C LYS A 218 4.59 -7.39 -29.40
N GLU A 219 4.89 -7.75 -30.64
CA GLU A 219 5.42 -9.07 -30.97
C GLU A 219 4.84 -10.25 -30.16
N HIS A 220 3.51 -10.36 -30.13
CA HIS A 220 2.80 -11.42 -29.39
C HIS A 220 2.43 -10.94 -27.99
N ARG A 221 1.73 -9.80 -27.92
CA ARG A 221 1.29 -9.21 -26.66
C ARG A 221 2.43 -8.95 -25.70
N VAL A 222 3.65 -9.04 -26.19
CA VAL A 222 4.81 -8.85 -25.34
C VAL A 222 5.58 -7.55 -25.56
N ILE A 223 5.99 -6.92 -24.46
CA ILE A 223 6.79 -5.71 -24.52
C ILE A 223 8.04 -6.15 -23.77
N ASP A 224 9.21 -5.99 -24.38
CA ASP A 224 10.44 -6.44 -23.75
C ASP A 224 10.87 -5.74 -22.47
N ALA A 225 11.30 -4.49 -22.57
CA ALA A 225 11.74 -3.72 -21.41
C ALA A 225 12.64 -2.59 -21.84
N LYS A 226 12.07 -1.41 -21.99
CA LYS A 226 12.81 -0.23 -22.42
C LYS A 226 14.11 0.03 -21.66
N ASN A 227 14.26 -0.56 -20.47
CA ASN A 227 15.45 -0.37 -19.64
C ASN A 227 15.40 -1.31 -18.45
N ILE A 228 16.55 -1.60 -17.86
CA ILE A 228 16.63 -2.44 -16.67
C ILE A 228 17.70 -1.84 -15.78
N PHE A 229 17.32 -1.38 -14.60
CA PHE A 229 18.27 -0.78 -13.68
C PHE A 229 18.84 -1.81 -12.72
N THR A 230 20.12 -2.08 -12.90
CA THR A 230 20.84 -3.05 -12.11
C THR A 230 21.28 -2.55 -10.74
N GLY A 231 22.22 -1.61 -10.75
CA GLY A 231 22.77 -1.05 -9.51
C GLY A 231 22.02 -1.31 -8.22
N HIS A 232 22.07 -2.54 -7.72
CA HIS A 232 21.39 -2.91 -6.48
C HIS A 232 21.92 -4.26 -6.00
N THR A 233 22.60 -4.23 -4.85
CA THR A 233 23.19 -5.44 -4.27
C THR A 233 22.26 -6.65 -4.13
N ALA A 234 21.04 -6.45 -3.63
CA ALA A 234 20.12 -7.57 -3.43
C ALA A 234 18.74 -7.41 -4.05
N VAL A 235 17.77 -8.14 -3.49
CA VAL A 235 16.39 -8.10 -3.96
C VAL A 235 15.75 -6.74 -3.78
N VAL A 236 15.24 -6.18 -4.88
CA VAL A 236 14.59 -4.87 -4.83
C VAL A 236 13.18 -5.07 -4.29
N GLU A 237 12.90 -4.41 -3.16
CA GLU A 237 11.61 -4.51 -2.50
C GLU A 237 10.52 -3.66 -3.12
N ASP A 238 10.86 -2.45 -3.54
CA ASP A 238 9.84 -1.58 -4.11
C ASP A 238 10.41 -0.52 -5.05
N VAL A 239 9.52 0.12 -5.78
CA VAL A 239 9.91 1.14 -6.73
C VAL A 239 8.83 2.23 -6.68
N ALA A 240 9.20 3.48 -6.93
CA ALA A 240 8.21 4.55 -6.86
C ALA A 240 8.61 5.77 -7.66
N TRP A 241 7.79 6.13 -8.65
CA TRP A 241 8.08 7.29 -9.48
C TRP A 241 8.00 8.54 -8.63
N HIS A 242 8.77 9.56 -8.99
CA HIS A 242 8.70 10.82 -8.27
C HIS A 242 7.37 11.40 -8.75
N LEU A 243 6.63 12.05 -7.85
CA LEU A 243 5.33 12.59 -8.19
C LEU A 243 5.24 13.71 -9.22
N LEU A 244 6.26 14.54 -9.33
CA LEU A 244 6.22 15.65 -10.28
C LEU A 244 7.27 15.65 -11.39
N HIS A 245 8.44 15.03 -11.15
CA HIS A 245 9.51 14.99 -12.16
C HIS A 245 9.54 13.68 -12.93
N GLU A 246 8.87 13.69 -14.09
CA GLU A 246 8.73 12.52 -14.97
C GLU A 246 9.92 11.57 -15.15
N SER A 247 11.13 12.06 -14.90
CA SER A 247 12.31 11.22 -15.08
C SER A 247 13.03 10.85 -13.78
N LEU A 248 12.29 10.75 -12.69
CA LEU A 248 12.87 10.39 -11.41
C LEU A 248 12.10 9.31 -10.70
N PHE A 249 12.79 8.50 -9.92
CA PHE A 249 12.14 7.45 -9.16
C PHE A 249 13.06 6.88 -8.09
N GLY A 250 12.48 6.28 -7.08
CA GLY A 250 13.28 5.71 -6.02
C GLY A 250 13.07 4.22 -5.92
N SER A 251 14.15 3.52 -5.59
CA SER A 251 14.10 2.09 -5.41
C SER A 251 14.47 1.86 -3.96
N VAL A 252 14.19 0.66 -3.48
CA VAL A 252 14.47 0.31 -2.11
C VAL A 252 14.64 -1.21 -2.10
N ALA A 253 15.66 -1.71 -1.43
CA ALA A 253 15.87 -3.15 -1.43
C ALA A 253 16.50 -3.73 -0.19
N ASP A 254 16.65 -5.06 -0.21
CA ASP A 254 17.21 -5.81 0.89
C ASP A 254 18.67 -5.47 1.15
N ASP A 255 19.29 -4.75 0.23
CA ASP A 255 20.67 -4.36 0.43
C ASP A 255 20.69 -3.13 1.33
N GLN A 256 19.61 -2.96 2.10
CA GLN A 256 19.46 -1.85 3.05
C GLN A 256 19.61 -0.43 2.51
N LYS A 257 19.47 -0.25 1.20
CA LYS A 257 19.65 1.08 0.64
C LYS A 257 18.46 1.66 -0.12
N LEU A 258 18.44 2.99 -0.19
CA LEU A 258 17.42 3.74 -0.91
C LEU A 258 18.17 4.39 -2.07
N MET A 259 17.73 4.15 -3.29
CA MET A 259 18.39 4.76 -4.44
C MET A 259 17.45 5.67 -5.24
N ILE A 260 17.94 6.85 -5.58
CA ILE A 260 17.15 7.76 -6.38
C ILE A 260 17.69 7.58 -7.78
N TRP A 261 16.82 7.55 -8.78
CA TRP A 261 17.28 7.37 -10.15
C TRP A 261 16.77 8.47 -11.06
N ASP A 262 17.47 8.65 -12.19
CA ASP A 262 17.10 9.63 -13.19
C ASP A 262 17.21 8.96 -14.55
N THR A 263 16.08 8.51 -15.09
CA THR A 263 16.07 7.84 -16.39
C THR A 263 16.94 8.54 -17.44
N ARG A 264 17.02 9.87 -17.36
CA ARG A 264 17.81 10.65 -18.32
C ARG A 264 19.31 10.31 -18.29
N ASN A 265 19.76 9.61 -17.24
CA ASN A 265 21.15 9.21 -17.13
C ASN A 265 21.38 8.09 -18.14
N ASN A 266 22.63 7.92 -18.56
CA ASN A 266 22.97 6.90 -19.54
C ASN A 266 23.28 5.55 -18.89
N ASN A 267 23.98 5.57 -17.76
CA ASN A 267 24.32 4.32 -17.10
C ASN A 267 23.16 3.78 -16.27
N THR A 268 22.74 2.57 -16.61
CA THR A 268 21.64 1.92 -15.92
C THR A 268 22.16 1.25 -14.63
N SER A 269 23.29 1.72 -14.13
CA SER A 269 23.91 1.18 -12.92
C SER A 269 24.26 2.28 -11.94
N LYS A 270 24.32 3.51 -12.43
CA LYS A 270 24.65 4.66 -11.61
C LYS A 270 23.38 5.31 -11.09
N PRO A 271 22.98 4.96 -9.86
CA PRO A 271 21.76 5.59 -9.36
C PRO A 271 22.14 7.00 -8.93
N SER A 272 21.40 7.99 -9.43
CA SER A 272 21.64 9.40 -9.12
C SER A 272 22.12 9.59 -7.66
N HIS A 273 21.60 8.79 -6.75
CA HIS A 273 21.97 8.84 -5.34
C HIS A 273 21.76 7.48 -4.69
N THR A 274 22.47 7.25 -3.59
CA THR A 274 22.33 6.01 -2.83
C THR A 274 22.32 6.45 -1.37
N VAL A 275 21.37 5.93 -0.61
CA VAL A 275 21.23 6.30 0.80
C VAL A 275 21.24 5.06 1.70
N ASP A 276 21.97 5.13 2.81
CA ASP A 276 22.02 4.02 3.76
C ASP A 276 20.84 4.24 4.66
N ALA A 277 19.66 4.11 4.07
CA ALA A 277 18.38 4.33 4.74
C ALA A 277 18.11 3.58 6.03
N HIS A 278 18.31 2.26 6.03
CA HIS A 278 18.02 1.46 7.22
C HIS A 278 19.04 0.42 7.62
N THR A 279 18.80 -0.18 8.78
CA THR A 279 19.62 -1.23 9.34
C THR A 279 19.37 -2.54 8.61
N ALA A 280 18.10 -2.92 8.53
CA ALA A 280 17.70 -4.15 7.85
C ALA A 280 17.27 -3.84 6.43
N GLU A 281 16.58 -4.79 5.80
CA GLU A 281 16.11 -4.59 4.45
C GLU A 281 14.95 -3.59 4.41
N VAL A 282 14.96 -2.74 3.39
CA VAL A 282 13.92 -1.73 3.20
C VAL A 282 12.88 -2.34 2.28
N ASN A 283 11.63 -2.42 2.76
CA ASN A 283 10.54 -3.02 2.00
C ASN A 283 9.71 -2.05 1.17
N CYS A 284 9.76 -0.75 1.48
CA CYS A 284 8.94 0.22 0.74
C CYS A 284 9.31 1.69 0.87
N LEU A 285 8.87 2.46 -0.13
CA LEU A 285 9.10 3.90 -0.15
C LEU A 285 7.87 4.56 -0.78
N SER A 286 7.54 5.78 -0.37
CA SER A 286 6.37 6.48 -0.89
C SER A 286 6.55 8.00 -0.84
N PHE A 287 6.31 8.68 -1.96
CA PHE A 287 6.48 10.13 -2.02
C PHE A 287 5.28 10.89 -1.49
N ASN A 288 5.53 11.93 -0.71
CA ASN A 288 4.46 12.75 -0.14
C ASN A 288 3.74 13.55 -1.23
N PRO A 289 2.43 13.36 -1.35
CA PRO A 289 1.56 14.02 -2.32
C PRO A 289 1.61 15.54 -2.32
N TYR A 290 1.97 16.15 -1.21
CA TYR A 290 2.00 17.60 -1.15
C TYR A 290 3.40 18.16 -1.18
N SER A 291 4.37 17.32 -1.48
CA SER A 291 5.76 17.74 -1.52
C SER A 291 6.45 17.31 -2.79
N GLU A 292 7.60 17.92 -3.04
CA GLU A 292 8.39 17.57 -4.20
C GLU A 292 9.75 17.11 -3.67
N PHE A 293 9.91 17.10 -2.35
CA PHE A 293 11.17 16.69 -1.73
C PHE A 293 11.03 15.62 -0.65
N ILE A 294 9.92 15.64 0.09
CA ILE A 294 9.73 14.67 1.16
C ILE A 294 9.36 13.24 0.73
N LEU A 295 10.06 12.30 1.37
CA LEU A 295 9.94 10.88 1.11
C LEU A 295 9.67 10.12 2.40
N ALA A 296 9.43 8.82 2.28
CA ALA A 296 9.21 7.98 3.45
C ALA A 296 9.47 6.53 3.10
N THR A 297 10.28 5.85 3.91
CA THR A 297 10.61 4.43 3.69
C THR A 297 10.31 3.58 4.89
N GLY A 298 9.93 2.33 4.63
CA GLY A 298 9.61 1.39 5.68
C GLY A 298 10.54 0.19 5.61
N SER A 299 11.13 -0.18 6.74
CA SER A 299 12.09 -1.28 6.78
C SER A 299 11.76 -2.40 7.74
N ALA A 300 12.52 -3.48 7.59
CA ALA A 300 12.37 -4.65 8.43
C ALA A 300 12.92 -4.28 9.79
N ASP A 301 13.64 -3.16 9.85
CA ASP A 301 14.19 -2.70 11.10
C ASP A 301 13.11 -2.11 12.03
N LYS A 302 11.84 -2.37 11.70
CA LYS A 302 10.69 -1.90 12.49
C LYS A 302 10.59 -0.36 12.46
N THR A 303 11.13 0.24 11.40
CA THR A 303 11.16 1.69 11.32
C THR A 303 10.73 2.31 10.01
N VAL A 304 10.19 3.53 10.10
CA VAL A 304 9.78 4.31 8.92
C VAL A 304 10.65 5.56 8.91
N ALA A 305 11.42 5.76 7.84
CA ALA A 305 12.31 6.91 7.75
C ALA A 305 11.71 8.05 6.96
N LEU A 306 11.88 9.27 7.47
CA LEU A 306 11.39 10.44 6.78
C LEU A 306 12.58 11.05 6.04
N TRP A 307 12.49 11.10 4.70
CA TRP A 307 13.58 11.63 3.88
C TRP A 307 13.25 12.91 3.12
N ASP A 308 14.27 13.73 2.85
CA ASP A 308 14.08 14.94 2.08
C ASP A 308 15.14 14.96 1.00
N LEU A 309 14.69 14.98 -0.25
CA LEU A 309 15.58 14.96 -1.40
C LEU A 309 16.57 16.09 -1.41
N ARG A 310 16.20 17.22 -0.82
CA ARG A 310 17.08 18.37 -0.78
C ARG A 310 18.36 18.11 -0.01
N ASN A 311 18.38 17.00 0.74
CA ASN A 311 19.56 16.60 1.51
C ASN A 311 19.43 15.16 1.99
N LEU A 312 19.70 14.20 1.11
CA LEU A 312 19.58 12.80 1.50
C LEU A 312 20.69 12.37 2.43
N LYS A 313 21.44 13.33 2.97
CA LYS A 313 22.53 12.99 3.89
C LYS A 313 21.97 12.94 5.30
N LEU A 314 20.92 13.71 5.53
CA LEU A 314 20.28 13.79 6.84
C LEU A 314 18.89 13.15 6.88
N LYS A 315 18.70 12.20 7.80
CA LYS A 315 17.41 11.54 7.94
C LYS A 315 16.51 12.37 8.86
N LEU A 316 15.64 13.18 8.26
CA LEU A 316 14.75 14.03 9.01
C LEU A 316 14.15 13.45 10.31
N HIS A 317 13.81 12.17 10.33
CA HIS A 317 13.21 11.61 11.53
C HIS A 317 12.89 10.14 11.38
N SER A 318 12.65 9.46 12.50
CA SER A 318 12.33 8.04 12.47
C SER A 318 11.10 7.69 13.32
N PHE A 319 10.09 7.12 12.68
CA PHE A 319 8.88 6.73 13.38
C PHE A 319 9.07 5.35 13.97
N GLU A 320 8.97 5.27 15.28
CA GLU A 320 9.14 4.01 15.98
C GLU A 320 7.90 3.63 16.76
N SER A 321 7.64 2.31 16.81
CA SER A 321 6.50 1.76 17.55
C SER A 321 6.13 0.39 17.02
N HIS A 322 6.36 0.16 15.73
CA HIS A 322 6.04 -1.14 15.15
C HIS A 322 6.86 -2.22 15.82
N LYS A 323 6.33 -3.43 15.84
CA LYS A 323 7.02 -4.53 16.49
C LYS A 323 7.44 -5.63 15.53
N ASP A 324 7.56 -5.30 14.25
CA ASP A 324 7.97 -6.28 13.25
C ASP A 324 8.19 -5.58 11.93
N GLU A 325 8.45 -6.34 10.86
CA GLU A 325 8.68 -5.75 9.55
C GLU A 325 7.56 -4.84 9.08
N ILE A 326 7.94 -3.81 8.32
CA ILE A 326 6.99 -2.85 7.78
C ILE A 326 7.04 -2.96 6.25
N PHE A 327 5.97 -3.45 5.64
CA PHE A 327 5.94 -3.57 4.18
C PHE A 327 5.17 -2.49 3.44
N GLN A 328 4.43 -1.68 4.18
CA GLN A 328 3.63 -0.63 3.57
C GLN A 328 3.69 0.70 4.26
N VAL A 329 3.76 1.76 3.45
CA VAL A 329 3.81 3.12 3.95
C VAL A 329 3.08 3.97 2.92
N GLN A 330 1.95 4.54 3.31
CA GLN A 330 1.15 5.38 2.42
C GLN A 330 0.85 6.71 3.06
N TRP A 331 0.97 7.80 2.32
CA TRP A 331 0.64 9.11 2.88
C TRP A 331 -0.86 9.35 2.71
N SER A 332 -1.45 10.15 3.61
CA SER A 332 -2.87 10.45 3.44
C SER A 332 -3.00 11.31 2.22
N PRO A 333 -3.98 11.01 1.36
CA PRO A 333 -4.16 11.81 0.15
C PRO A 333 -4.76 13.18 0.50
N HIS A 334 -5.25 13.30 1.73
CA HIS A 334 -5.87 14.53 2.19
C HIS A 334 -5.02 15.43 3.09
N ASN A 335 -4.25 14.87 4.02
CA ASN A 335 -3.46 15.74 4.88
C ASN A 335 -1.97 15.50 4.76
N GLU A 336 -1.28 16.51 4.23
CA GLU A 336 0.17 16.51 4.00
C GLU A 336 1.01 16.10 5.18
N THR A 337 0.47 16.26 6.37
CA THR A 337 1.21 15.95 7.58
C THR A 337 1.04 14.56 8.16
N ILE A 338 0.14 13.75 7.62
CA ILE A 338 -0.07 12.41 8.18
C ILE A 338 0.12 11.25 7.22
N LEU A 339 0.82 10.20 7.68
CA LEU A 339 1.04 9.01 6.86
C LEU A 339 0.76 7.75 7.68
N ALA A 340 0.68 6.60 7.01
CA ALA A 340 0.40 5.35 7.67
C ALA A 340 1.37 4.23 7.28
N SER A 341 1.47 3.22 8.14
CA SER A 341 2.36 2.08 7.92
C SER A 341 1.78 0.77 8.46
N SER A 342 2.04 -0.32 7.76
CA SER A 342 1.56 -1.63 8.19
C SER A 342 2.60 -2.72 7.90
N GLY A 343 2.49 -3.84 8.61
CA GLY A 343 3.44 -4.90 8.40
C GLY A 343 3.05 -6.21 9.04
N THR A 344 4.06 -6.94 9.50
CA THR A 344 3.85 -8.24 10.10
C THR A 344 3.25 -8.23 11.50
N ASP A 345 3.36 -7.12 12.22
CA ASP A 345 2.81 -7.07 13.56
C ASP A 345 1.29 -6.92 13.61
N ARG A 346 0.66 -7.11 12.46
CA ARG A 346 -0.79 -7.03 12.36
C ARG A 346 -1.34 -5.67 12.79
N ARG A 347 -0.48 -4.65 12.80
CA ARG A 347 -0.93 -3.33 13.20
C ARG A 347 -0.74 -2.30 12.09
N LEU A 348 -1.68 -1.38 11.98
CA LEU A 348 -1.61 -0.31 11.00
C LEU A 348 -1.42 0.93 11.87
N HIS A 349 -0.32 1.64 11.66
CA HIS A 349 -0.04 2.82 12.45
C HIS A 349 -0.28 4.07 11.63
N VAL A 350 -0.83 5.09 12.26
CA VAL A 350 -1.05 6.34 11.56
C VAL A 350 -0.26 7.41 12.33
N TRP A 351 0.64 8.08 11.61
CA TRP A 351 1.48 9.12 12.22
C TRP A 351 1.15 10.52 11.71
N ASP A 352 1.33 11.50 12.58
CA ASP A 352 1.09 12.90 12.23
C ASP A 352 2.42 13.65 12.41
N LEU A 353 3.09 13.96 11.30
CA LEU A 353 4.37 14.66 11.34
C LEU A 353 4.41 15.87 12.25
N SER A 354 3.34 16.67 12.20
CA SER A 354 3.26 17.88 13.00
C SER A 354 3.61 17.63 14.46
N LYS A 355 3.06 16.58 15.03
CA LYS A 355 3.32 16.26 16.42
C LYS A 355 4.72 15.72 16.73
N ILE A 356 5.61 15.76 15.74
CA ILE A 356 6.98 15.30 15.97
C ILE A 356 7.63 16.40 16.79
N GLY A 357 8.12 16.04 17.97
CA GLY A 357 8.75 17.05 18.81
C GLY A 357 8.03 17.29 20.11
N GLU A 358 6.98 18.11 20.08
CA GLU A 358 6.20 18.44 21.27
C GLU A 358 6.39 17.45 22.41
N GLU A 359 6.70 17.97 23.59
CA GLU A 359 6.94 17.16 24.78
C GLU A 359 5.71 16.42 25.27
N GLN A 360 5.92 15.26 25.89
CA GLN A 360 4.82 14.47 26.41
C GLN A 360 5.13 13.85 27.79
N SER A 361 4.10 13.74 28.60
CA SER A 361 4.21 13.19 29.95
C SER A 361 4.51 11.69 29.95
N THR A 362 5.54 11.30 30.70
CA THR A 362 5.95 9.89 30.78
C THR A 362 4.80 8.87 30.81
N GLU A 363 3.81 9.12 31.65
CA GLU A 363 2.67 8.20 31.77
C GLU A 363 1.81 8.24 30.51
N ASP A 364 2.18 9.12 29.59
CA ASP A 364 1.48 9.33 28.33
C ASP A 364 2.45 8.94 27.21
N ALA A 365 3.74 9.14 27.49
CA ALA A 365 4.81 8.84 26.56
C ALA A 365 5.01 7.34 26.46
N GLU A 366 3.98 6.59 26.77
CA GLU A 366 4.02 5.16 26.63
C GLU A 366 3.06 4.99 25.47
N ASP A 367 2.65 3.78 25.15
CA ASP A 367 1.74 3.58 24.03
C ASP A 367 2.49 4.00 22.75
N GLY A 368 3.49 4.86 22.93
CA GLY A 368 4.30 5.33 21.82
C GLY A 368 4.64 6.82 21.85
N PRO A 369 5.43 7.29 20.86
CA PRO A 369 5.88 8.68 20.70
C PRO A 369 4.74 9.62 20.28
N PRO A 370 4.97 10.93 20.35
CA PRO A 370 3.95 11.90 19.97
C PRO A 370 3.50 11.86 18.51
N GLU A 371 4.38 11.44 17.60
CA GLU A 371 4.02 11.38 16.20
C GLU A 371 2.96 10.31 15.96
N LEU A 372 2.85 9.36 16.89
CA LEU A 372 1.87 8.28 16.79
C LEU A 372 0.50 8.86 17.10
N LEU A 373 -0.42 8.77 16.14
CA LEU A 373 -1.75 9.33 16.33
C LEU A 373 -2.82 8.28 16.51
N PHE A 374 -2.65 7.15 15.82
CA PHE A 374 -3.63 6.08 15.92
C PHE A 374 -3.02 4.72 15.62
N ILE A 375 -3.56 3.69 16.25
CA ILE A 375 -3.08 2.34 15.99
C ILE A 375 -4.32 1.54 15.68
N HIS A 376 -4.37 0.92 14.52
CA HIS A 376 -5.52 0.12 14.17
C HIS A 376 -5.18 -1.34 14.42
N GLY A 377 -5.89 -1.97 15.37
CA GLY A 377 -5.62 -3.37 15.65
C GLY A 377 -6.79 -4.31 15.37
N GLY A 378 -7.56 -4.01 14.32
CA GLY A 378 -8.68 -4.85 13.98
C GLY A 378 -8.30 -6.08 13.20
N HIS A 379 -7.05 -6.12 12.73
CA HIS A 379 -6.61 -7.28 11.97
C HIS A 379 -6.04 -8.38 12.85
N THR A 380 -6.27 -9.60 12.44
CA THR A 380 -5.86 -10.75 13.21
C THR A 380 -4.68 -11.51 12.62
N ALA A 381 -4.17 -11.00 11.49
CA ALA A 381 -3.05 -11.62 10.81
C ALA A 381 -2.17 -10.53 10.24
N LYS A 382 -1.14 -10.92 9.50
CA LYS A 382 -0.26 -9.96 8.88
C LYS A 382 -1.06 -9.17 7.84
N ILE A 383 -0.92 -7.85 7.85
CA ILE A 383 -1.63 -7.01 6.89
C ILE A 383 -0.84 -7.01 5.58
N SER A 384 -1.41 -7.63 4.56
CA SER A 384 -0.77 -7.72 3.25
C SER A 384 -0.75 -6.42 2.47
N ASP A 385 -1.60 -5.44 2.80
CA ASP A 385 -1.62 -4.20 2.05
C ASP A 385 -2.76 -3.29 2.54
N PHE A 386 -2.67 -2.00 2.26
CA PHE A 386 -3.74 -1.07 2.66
C PHE A 386 -3.77 0.15 1.74
N SER A 387 -4.89 0.86 1.73
CA SER A 387 -5.08 2.01 0.84
C SER A 387 -5.96 3.12 1.41
N TRP A 388 -5.55 4.37 1.26
CA TRP A 388 -6.35 5.50 1.75
C TRP A 388 -7.42 5.84 0.72
N ASN A 389 -8.67 5.95 1.15
CA ASN A 389 -9.72 6.31 0.20
C ASN A 389 -9.47 7.76 -0.20
N PRO A 390 -9.18 7.99 -1.48
CA PRO A 390 -8.89 9.28 -2.11
C PRO A 390 -10.03 10.28 -2.10
N ASN A 391 -11.24 9.79 -1.84
CA ASN A 391 -12.40 10.66 -1.86
C ASN A 391 -12.97 10.97 -0.49
N GLU A 392 -12.88 10.00 0.42
CA GLU A 392 -13.43 10.18 1.77
C GLU A 392 -12.39 10.27 2.85
N PRO A 393 -11.89 11.48 3.14
CA PRO A 393 -10.86 11.68 4.16
C PRO A 393 -10.95 10.78 5.40
N TRP A 394 -9.86 10.05 5.64
CA TRP A 394 -9.73 9.13 6.75
C TRP A 394 -10.30 7.73 6.58
N ILE A 395 -10.99 7.45 5.47
CA ILE A 395 -11.46 6.08 5.26
C ILE A 395 -10.23 5.37 4.70
N ILE A 396 -9.95 4.17 5.22
CA ILE A 396 -8.81 3.37 4.81
C ILE A 396 -9.29 1.93 4.63
N CYS A 397 -8.64 1.19 3.73
CA CYS A 397 -9.00 -0.20 3.53
C CYS A 397 -7.75 -1.08 3.67
N SER A 398 -7.75 -1.97 4.64
CA SER A 398 -6.61 -2.86 4.83
C SER A 398 -6.99 -4.32 4.59
N VAL A 399 -6.07 -5.08 4.03
CA VAL A 399 -6.33 -6.48 3.76
C VAL A 399 -5.36 -7.35 4.54
N SER A 400 -5.84 -8.49 5.04
CA SER A 400 -5.01 -9.39 5.82
C SER A 400 -4.88 -10.77 5.18
N GLU A 401 -3.98 -11.60 5.70
CA GLU A 401 -3.76 -12.95 5.17
C GLU A 401 -4.85 -13.93 5.50
N ASP A 402 -5.66 -13.62 6.51
CA ASP A 402 -6.76 -14.47 6.89
C ASP A 402 -7.93 -14.21 5.95
N ASN A 403 -7.67 -13.53 4.84
CA ASN A 403 -8.66 -13.18 3.82
C ASN A 403 -9.71 -12.17 4.29
N ILE A 404 -9.44 -11.53 5.41
CA ILE A 404 -10.32 -10.52 5.96
C ILE A 404 -10.03 -9.16 5.34
N MET A 405 -11.09 -8.41 5.07
CA MET A 405 -10.98 -7.08 4.49
C MET A 405 -11.69 -6.11 5.42
N GLN A 406 -11.01 -5.02 5.79
CA GLN A 406 -11.65 -4.02 6.66
C GLN A 406 -11.62 -2.63 6.07
N VAL A 407 -12.77 -1.97 6.10
CA VAL A 407 -12.87 -0.62 5.59
C VAL A 407 -13.23 0.17 6.84
N TRP A 408 -12.29 0.94 7.35
CA TRP A 408 -12.56 1.68 8.57
C TRP A 408 -12.21 3.13 8.44
N GLN A 409 -12.52 3.87 9.49
CA GLN A 409 -12.26 5.30 9.57
C GLN A 409 -12.22 5.63 11.04
N MET A 410 -11.07 6.11 11.52
CA MET A 410 -10.93 6.44 12.92
C MET A 410 -11.84 7.60 13.35
N ALA A 411 -12.29 7.54 14.60
CA ALA A 411 -13.17 8.55 15.16
C ALA A 411 -12.67 9.98 14.92
N GLU A 412 -13.58 10.86 14.56
CA GLU A 412 -13.24 12.24 14.30
C GLU A 412 -12.53 12.94 15.45
N ASN A 413 -12.95 12.67 16.68
CA ASN A 413 -12.32 13.33 17.83
C ASN A 413 -10.90 12.85 18.07
N VAL A 414 -10.49 11.81 17.35
CA VAL A 414 -9.13 11.31 17.50
C VAL A 414 -8.19 12.19 16.70
N TYR A 415 -8.73 12.99 15.80
CA TYR A 415 -7.89 13.85 14.98
C TYR A 415 -8.44 15.26 14.81
N ASN A 416 -9.60 15.53 15.39
CA ASN A 416 -10.19 16.86 15.25
C ASN A 416 -9.87 17.78 16.41
N ASP A 417 -10.77 18.70 16.69
CA ASP A 417 -10.59 19.67 17.78
C ASP A 417 -9.36 20.52 17.54
N LYS B 17 -12.46 13.40 27.98
CA LYS B 17 -12.48 12.48 26.81
C LYS B 17 -11.31 12.60 25.81
N PRO B 18 -10.22 13.29 26.19
CA PRO B 18 -9.14 13.36 25.21
C PRO B 18 -8.39 12.05 25.44
N ALA B 19 -9.02 11.19 26.24
CA ALA B 19 -8.50 9.87 26.58
C ALA B 19 -8.83 8.91 25.45
N ILE B 20 -9.54 9.42 24.44
CA ILE B 20 -9.88 8.62 23.28
C ILE B 20 -8.59 8.62 22.48
N ARG B 21 -7.92 9.77 22.48
CA ARG B 21 -6.65 9.94 21.78
C ARG B 21 -5.65 8.98 22.43
N ARG B 22 -5.75 8.85 23.75
CA ARG B 22 -4.88 7.97 24.50
C ARG B 22 -5.30 6.54 24.22
N LEU B 23 -6.60 6.28 24.21
CA LEU B 23 -7.11 4.95 23.93
C LEU B 23 -6.64 4.49 22.55
N ALA B 24 -6.67 5.41 21.61
CA ALA B 24 -6.25 5.16 20.22
C ALA B 24 -4.76 4.83 20.16
N ARG B 25 -4.02 5.40 21.11
CA ARG B 25 -2.59 5.21 21.20
C ARG B 25 -2.24 3.79 21.65
N ARG B 26 -3.09 3.18 22.46
CA ARG B 26 -2.83 1.82 22.94
C ARG B 26 -3.15 0.76 21.88
N GLY B 27 -2.34 -0.29 21.84
CA GLY B 27 -2.55 -1.36 20.89
C GLY B 27 -1.33 -2.26 20.77
CD CD C . -11.12 3.20 -19.18
CD CD D . -25.61 -6.76 -6.29
CD CD E . -10.95 -12.38 -19.79
CD CD F . 5.13 0.68 -0.66
CD CD G . 2.08 1.43 -3.91
CD CD H . -13.01 -18.25 -7.59
CD CD I . -10.63 5.13 -19.43
#